data_3HCJ
#
_entry.id   3HCJ
#
_cell.length_a   44.197
_cell.length_b   65.303
_cell.length_c   57.957
_cell.angle_alpha   90.000
_cell.angle_beta   94.810
_cell.angle_gamma   90.000
#
_symmetry.space_group_name_H-M   'P 1 21 1'
#
loop_
_entity.id
_entity.type
_entity.pdbx_description
1 polymer 'Peptide methionine sulfoxide reductase'
2 non-polymer 'ZINC ION'
3 water water
#
_entity_poly.entity_id   1
_entity_poly.type   'polypeptide(L)'
_entity_poly.pdbx_seq_one_letter_code
;MSQFDLTPPSPAQRDALIAGLSDEEQRVLLHHGTEAPFCGVFLDNKLDGVYTCRLCGLPLFRSNAKFDSGTGWPSFFAPY
DPAHVREIRDTSYGMIRTEIVCARCDSHLGHVFPDGPPPTGERHCLNSVSLAFTEDGQPLPNPLQRAGAETQPA
;
_entity_poly.pdbx_strand_id   A,B
#
# COMPACT_ATOMS: atom_id res chain seq x y z
N SER A 2 10.42 6.55 -9.79
CA SER A 2 9.75 7.74 -10.39
C SER A 2 10.48 8.25 -11.62
N GLN A 3 9.69 8.59 -12.64
CA GLN A 3 10.19 9.21 -13.87
C GLN A 3 10.33 10.72 -13.72
N PHE A 4 10.05 11.25 -12.52
CA PHE A 4 10.17 12.67 -12.27
C PHE A 4 11.49 12.99 -11.58
N ASP A 5 12.05 14.13 -11.94
CA ASP A 5 13.26 14.62 -11.35
C ASP A 5 12.94 15.37 -10.06
N LEU A 6 13.31 14.80 -8.93
CA LEU A 6 13.02 15.37 -7.60
C LEU A 6 14.04 16.40 -7.10
N THR A 7 15.05 16.69 -7.92
CA THR A 7 16.00 17.74 -7.63
C THR A 7 15.25 19.01 -7.26
N PRO A 8 15.60 19.64 -6.14
CA PRO A 8 14.87 20.86 -5.77
C PRO A 8 15.00 21.99 -6.79
N PRO A 9 14.05 22.94 -6.80
CA PRO A 9 14.24 24.13 -7.60
C PRO A 9 15.55 24.81 -7.24
N SER A 10 16.18 25.42 -8.23
CA SER A 10 17.34 26.24 -7.99
C SER A 10 16.89 27.46 -7.21
N PRO A 11 17.81 28.17 -6.52
CA PRO A 11 17.43 29.45 -5.91
C PRO A 11 16.67 30.44 -6.78
N ALA A 12 17.09 30.64 -8.05
CA ALA A 12 16.39 31.54 -8.95
C ALA A 12 15.00 31.02 -9.25
N GLN A 13 14.89 29.72 -9.45
CA GLN A 13 13.61 29.08 -9.76
C GLN A 13 12.69 29.24 -8.57
N ARG A 14 13.19 28.94 -7.37
CA ARG A 14 12.39 29.13 -6.16
C ARG A 14 11.88 30.56 -6.00
N ASP A 15 12.75 31.56 -6.18
CA ASP A 15 12.33 32.97 -6.08
C ASP A 15 11.20 33.23 -7.08
N ALA A 16 11.37 32.75 -8.31
CA ALA A 16 10.38 33.01 -9.36
C ALA A 16 9.04 32.39 -9.00
N LEU A 17 9.07 31.15 -8.54
CA LEU A 17 7.83 30.46 -8.22
C LEU A 17 7.12 31.11 -7.02
N ILE A 18 7.88 31.50 -6.02
CA ILE A 18 7.33 32.16 -4.85
C ILE A 18 6.71 33.49 -5.23
N ALA A 19 7.37 34.23 -6.12
CA ALA A 19 6.86 35.49 -6.61
C ALA A 19 5.46 35.37 -7.21
N GLY A 20 5.15 34.19 -7.76
CA GLY A 20 3.83 33.89 -8.36
C GLY A 20 2.74 33.46 -7.39
N LEU A 21 3.12 33.27 -6.12
CA LEU A 21 2.15 32.85 -5.10
C LEU A 21 1.43 34.03 -4.49
N SER A 22 0.15 33.85 -4.19
CA SER A 22 -0.60 34.78 -3.36
C SER A 22 -0.07 34.80 -1.93
N ASP A 23 -0.46 35.79 -1.14
CA ASP A 23 -0.10 35.83 0.29
C ASP A 23 -0.60 34.58 1.02
N GLU A 24 -1.82 34.16 0.72
CA GLU A 24 -2.40 32.98 1.35
C GLU A 24 -1.59 31.72 0.99
N GLU A 25 -1.21 31.63 -0.27
CA GLU A 25 -0.40 30.51 -0.75
C GLU A 25 0.96 30.47 -0.08
N GLN A 26 1.58 31.63 0.09
CA GLN A 26 2.85 31.71 0.78
C GLN A 26 2.71 31.29 2.25
N ARG A 27 1.63 31.71 2.89
CA ARG A 27 1.37 31.38 4.29
C ARG A 27 1.30 29.86 4.47
N VAL A 28 0.67 29.19 3.52
CA VAL A 28 0.50 27.76 3.63
C VAL A 28 1.73 26.98 3.20
N LEU A 29 2.22 27.24 2.00
CA LEU A 29 3.25 26.39 1.42
C LEU A 29 4.62 26.54 2.06
N LEU A 30 4.97 27.76 2.48
CA LEU A 30 6.36 28.09 2.83
C LEU A 30 6.64 28.08 4.32
N HIS A 31 5.59 27.82 5.12
CA HIS A 31 5.69 27.76 6.57
C HIS A 31 5.40 26.37 7.10
N HIS A 32 5.98 26.09 8.26
CA HIS A 32 5.85 24.78 8.86
C HIS A 32 5.70 24.97 10.37
N GLY A 33 4.63 24.40 10.92
CA GLY A 33 4.41 24.37 12.38
C GLY A 33 3.74 25.61 12.99
N THR A 34 3.22 26.50 12.14
CA THR A 34 2.63 27.75 12.61
C THR A 34 1.12 27.82 12.40
N GLU A 35 0.62 27.18 11.35
CA GLU A 35 -0.77 27.34 10.96
C GLU A 35 -1.63 26.19 11.42
N ALA A 36 -2.93 26.45 11.56
CA ALA A 36 -3.89 25.42 11.93
C ALA A 36 -4.02 24.43 10.78
N PRO A 37 -4.14 23.13 11.12
CA PRO A 37 -4.34 22.12 10.07
C PRO A 37 -5.69 22.27 9.38
N PHE A 38 -5.74 21.76 8.15
N PHE A 38 -5.78 21.83 8.13
CA PHE A 38 -6.95 21.66 7.34
CA PHE A 38 -7.00 21.96 7.35
C PHE A 38 -7.03 20.24 6.80
C PHE A 38 -7.13 20.70 6.52
N CYS A 39 -8.22 19.68 6.74
N CYS A 39 -8.20 19.94 6.75
CA CYS A 39 -8.40 18.43 6.04
CA CYS A 39 -8.41 18.62 6.15
C CYS A 39 -9.36 18.66 4.91
C CYS A 39 -9.36 18.76 4.96
N GLY A 40 -8.81 19.09 3.79
CA GLY A 40 -9.63 19.40 2.60
C GLY A 40 -10.46 18.20 2.16
N VAL A 41 -11.65 18.48 1.63
CA VAL A 41 -12.55 17.45 1.14
C VAL A 41 -12.57 17.40 -0.40
N PHE A 42 -12.10 18.48 -1.05
CA PHE A 42 -11.89 18.48 -2.51
C PHE A 42 -13.14 18.16 -3.32
N LEU A 43 -14.12 19.05 -3.19
CA LEU A 43 -15.42 18.83 -3.85
C LEU A 43 -15.56 19.71 -5.08
N ASP A 44 -14.49 20.43 -5.44
CA ASP A 44 -14.57 21.53 -6.42
C ASP A 44 -13.92 21.29 -7.78
N ASN A 45 -13.59 20.03 -8.08
CA ASN A 45 -12.94 19.76 -9.36
C ASN A 45 -13.55 18.54 -10.04
N LYS A 46 -13.18 18.33 -11.31
CA LYS A 46 -13.52 17.08 -12.01
C LYS A 46 -12.93 15.93 -11.21
N LEU A 47 -13.58 14.77 -11.23
CA LEU A 47 -13.11 13.64 -10.43
C LEU A 47 -11.81 13.03 -10.95
N ASP A 48 -11.54 13.16 -12.26
CA ASP A 48 -10.42 12.49 -12.91
C ASP A 48 -9.31 13.45 -13.30
N GLY A 49 -8.32 13.55 -12.42
CA GLY A 49 -7.14 14.33 -12.71
C GLY A 49 -6.16 14.19 -11.57
N VAL A 50 -5.20 15.11 -11.54
CA VAL A 50 -4.07 14.98 -10.66
C VAL A 50 -3.85 16.32 -9.97
N TYR A 51 -3.70 16.26 -8.65
CA TYR A 51 -3.34 17.40 -7.83
C TYR A 51 -1.82 17.52 -7.73
N THR A 52 -1.32 18.69 -8.09
CA THR A 52 0.10 19.00 -8.18
C THR A 52 0.50 19.98 -7.05
N CYS A 53 1.77 19.95 -6.65
CA CYS A 53 2.29 20.92 -5.71
C CYS A 53 2.14 22.32 -6.29
N ARG A 54 1.45 23.18 -5.55
CA ARG A 54 1.21 24.53 -6.03
C ARG A 54 2.51 25.30 -6.31
N LEU A 55 3.58 24.97 -5.58
CA LEU A 55 4.84 25.66 -5.83
C LEU A 55 5.60 25.12 -7.03
N CYS A 56 5.86 23.83 -7.04
CA CYS A 56 6.79 23.30 -8.02
C CYS A 56 6.21 22.43 -9.09
N GLY A 57 4.92 22.12 -8.99
CA GLY A 57 4.23 21.41 -10.06
C GLY A 57 4.29 19.90 -9.97
N LEU A 58 5.01 19.38 -8.98
CA LEU A 58 5.16 17.92 -8.89
C LEU A 58 3.78 17.25 -8.73
N PRO A 59 3.50 16.19 -9.51
CA PRO A 59 2.21 15.49 -9.30
C PRO A 59 2.23 14.72 -7.98
N LEU A 60 1.19 14.93 -7.17
CA LEU A 60 1.20 14.52 -5.78
C LEU A 60 0.10 13.51 -5.47
N PHE A 61 -1.11 13.83 -5.90
CA PHE A 61 -2.28 13.00 -5.57
C PHE A 61 -3.13 12.83 -6.80
N ARG A 62 -3.56 11.61 -7.07
CA ARG A 62 -4.43 11.37 -8.20
C ARG A 62 -5.84 11.24 -7.67
N SER A 63 -6.79 11.82 -8.39
CA SER A 63 -8.19 11.59 -8.13
C SER A 63 -8.77 10.86 -9.33
N ASN A 64 -9.69 9.93 -9.06
CA ASN A 64 -10.32 9.19 -10.13
C ASN A 64 -11.60 8.59 -9.59
N ALA A 65 -12.65 8.65 -10.42
CA ALA A 65 -13.98 8.11 -10.07
C ALA A 65 -13.96 6.65 -9.59
N LYS A 66 -12.95 5.89 -10.04
CA LYS A 66 -12.80 4.46 -9.73
C LYS A 66 -11.89 4.15 -8.55
N PHE A 67 -11.31 5.19 -7.95
CA PHE A 67 -10.44 5.00 -6.79
C PHE A 67 -11.24 4.81 -5.51
N ASP A 68 -10.73 3.94 -4.65
CA ASP A 68 -11.42 3.62 -3.39
C ASP A 68 -10.32 3.38 -2.35
N SER A 69 -9.65 4.47 -1.97
CA SER A 69 -8.53 4.40 -1.02
C SER A 69 -9.00 4.35 0.43
N GLY A 70 -10.30 4.53 0.62
CA GLY A 70 -10.91 4.50 1.94
C GLY A 70 -11.11 5.88 2.57
N THR A 71 -11.64 5.87 3.78
CA THR A 71 -12.12 7.10 4.37
C THR A 71 -11.02 7.94 5.03
N GLY A 72 -9.77 7.47 4.96
CA GLY A 72 -8.63 8.26 5.45
C GLY A 72 -8.14 9.27 4.42
N TRP A 73 -8.77 9.25 3.24
CA TRP A 73 -8.44 10.15 2.13
C TRP A 73 -9.69 10.87 1.71
N PRO A 74 -9.55 12.05 1.06
CA PRO A 74 -10.74 12.61 0.42
C PRO A 74 -11.31 11.60 -0.58
N SER A 75 -12.60 11.69 -0.86
CA SER A 75 -13.23 10.79 -1.85
C SER A 75 -12.45 10.79 -3.17
N PHE A 76 -12.17 9.58 -3.70
CA PHE A 76 -11.55 9.41 -5.03
C PHE A 76 -10.06 9.71 -5.10
N PHE A 77 -9.44 10.04 -3.96
CA PHE A 77 -8.01 10.30 -3.93
C PHE A 77 -7.16 9.05 -3.77
N ALA A 78 -5.94 9.12 -4.29
CA ALA A 78 -4.87 8.17 -4.02
C ALA A 78 -3.53 8.89 -4.21
N PRO A 79 -2.44 8.34 -3.62
CA PRO A 79 -1.11 8.89 -3.89
C PRO A 79 -0.76 8.75 -5.37
N TYR A 80 -0.16 9.78 -5.93
CA TYR A 80 0.33 9.69 -7.31
C TYR A 80 1.57 8.78 -7.38
N ASP A 81 2.50 8.97 -6.45
CA ASP A 81 3.74 8.20 -6.37
C ASP A 81 4.24 8.44 -4.95
N PRO A 82 4.49 7.37 -4.18
CA PRO A 82 4.88 7.53 -2.77
C PRO A 82 6.19 8.32 -2.59
N ALA A 83 7.09 8.22 -3.58
CA ALA A 83 8.32 9.01 -3.65
C ALA A 83 8.12 10.54 -3.74
N HIS A 84 6.89 10.99 -4.02
CA HIS A 84 6.66 12.42 -4.28
C HIS A 84 6.27 13.24 -3.07
N VAL A 85 5.90 12.55 -1.99
CA VAL A 85 5.61 13.18 -0.72
C VAL A 85 6.58 12.64 0.33
N ARG A 86 6.96 13.49 1.27
CA ARG A 86 7.72 13.05 2.41
C ARG A 86 6.90 13.30 3.65
N GLU A 87 6.83 12.28 4.49
N GLU A 87 6.87 12.31 4.54
CA GLU A 87 6.24 12.39 5.81
CA GLU A 87 6.13 12.43 5.80
C GLU A 87 7.33 12.81 6.79
C GLU A 87 7.10 12.62 6.97
N ILE A 88 7.00 13.75 7.66
CA ILE A 88 7.98 14.22 8.65
C ILE A 88 7.49 13.99 10.07
N ARG A 89 8.28 13.24 10.86
CA ARG A 89 8.02 13.09 12.29
C ARG A 89 8.85 14.14 13.05
N ASP A 90 8.25 14.73 14.08
CA ASP A 90 8.96 15.75 14.85
C ASP A 90 8.69 15.47 16.31
N THR A 91 9.73 15.56 17.15
CA THR A 91 9.55 15.29 18.58
C THR A 91 8.54 16.23 19.26
N SER A 92 8.27 17.38 18.61
CA SER A 92 7.27 18.33 19.11
C SER A 92 5.88 17.71 19.13
N TYR A 93 5.64 16.81 18.18
CA TYR A 93 4.32 16.15 18.06
C TYR A 93 4.37 14.65 18.39
N GLY A 94 5.49 13.99 18.10
CA GLY A 94 5.60 12.55 18.31
C GLY A 94 4.52 11.80 17.55
N MET A 95 3.70 11.03 18.25
CA MET A 95 2.68 10.20 17.60
C MET A 95 1.37 10.94 17.32
N ILE A 96 1.29 12.21 17.75
CA ILE A 96 0.06 13.00 17.57
C ILE A 96 -0.25 13.30 16.10
N ARG A 97 0.77 13.68 15.34
CA ARG A 97 0.61 13.98 13.90
C ARG A 97 1.98 14.04 13.24
N THR A 98 2.00 13.94 11.92
CA THR A 98 3.23 14.09 11.14
C THR A 98 2.91 15.13 10.08
N GLU A 99 3.94 15.77 9.55
CA GLU A 99 3.73 16.75 8.44
C GLU A 99 3.96 16.09 7.11
N ILE A 100 3.13 16.40 6.12
CA ILE A 100 3.31 15.92 4.76
C ILE A 100 3.92 17.08 3.97
N VAL A 101 5.04 16.84 3.28
CA VAL A 101 5.65 17.88 2.43
C VAL A 101 5.96 17.38 1.03
N CYS A 102 6.10 18.31 0.08
CA CYS A 102 6.48 17.96 -1.29
C CYS A 102 7.93 17.45 -1.29
N ALA A 103 8.13 16.25 -1.83
CA ALA A 103 9.47 15.64 -1.79
C ALA A 103 10.48 16.46 -2.61
N ARG A 104 9.99 17.23 -3.58
CA ARG A 104 10.89 18.02 -4.42
C ARG A 104 11.26 19.38 -3.82
N CYS A 105 10.26 20.17 -3.40
CA CYS A 105 10.54 21.55 -2.93
C CYS A 105 10.35 21.78 -1.43
N ASP A 106 9.88 20.74 -0.75
CA ASP A 106 9.70 20.72 0.70
C ASP A 106 8.59 21.61 1.21
N SER A 107 7.74 22.08 0.30
CA SER A 107 6.58 22.89 0.68
C SER A 107 5.57 22.08 1.48
N HIS A 108 4.93 22.78 2.40
CA HIS A 108 3.92 22.18 3.27
C HIS A 108 2.70 21.75 2.47
N LEU A 109 2.30 20.49 2.65
CA LEU A 109 1.08 19.97 1.99
C LEU A 109 -0.05 19.67 2.97
N GLY A 110 0.29 19.28 4.20
CA GLY A 110 -0.78 18.86 5.13
C GLY A 110 -0.19 18.06 6.26
N HIS A 111 -1.01 17.19 6.84
CA HIS A 111 -0.63 16.37 7.97
C HIS A 111 -1.23 15.01 7.85
N VAL A 112 -0.59 14.03 8.49
CA VAL A 112 -1.24 12.73 8.68
C VAL A 112 -1.59 12.61 10.16
N PHE A 113 -2.85 12.33 10.45
CA PHE A 113 -3.30 12.04 11.81
C PHE A 113 -3.59 10.55 11.99
N PRO A 114 -3.34 10.03 13.21
CA PRO A 114 -3.53 8.62 13.53
C PRO A 114 -4.96 8.17 13.82
N ASP A 115 -5.96 8.90 13.32
CA ASP A 115 -7.35 8.63 13.63
C ASP A 115 -8.14 8.13 12.42
N GLY A 116 -7.43 7.54 11.46
CA GLY A 116 -8.02 7.01 10.24
C GLY A 116 -8.45 5.56 10.37
N PRO A 117 -9.05 5.03 9.30
CA PRO A 117 -9.55 3.65 9.30
C PRO A 117 -8.42 2.64 9.17
N PRO A 118 -8.68 1.39 9.58
CA PRO A 118 -7.70 0.34 9.30
C PRO A 118 -7.57 0.14 7.78
N PRO A 119 -6.46 -0.47 7.33
CA PRO A 119 -5.37 -1.04 8.11
C PRO A 119 -4.30 -0.06 8.53
N THR A 120 -4.22 1.11 7.87
CA THR A 120 -3.14 2.05 8.17
C THR A 120 -3.42 2.91 9.39
N GLY A 121 -4.70 3.08 9.72
CA GLY A 121 -5.12 3.95 10.81
C GLY A 121 -4.81 5.41 10.53
N GLU A 122 -4.50 5.73 9.28
CA GLU A 122 -4.09 7.12 8.94
C GLU A 122 -5.17 7.96 8.26
N ARG A 123 -5.25 9.23 8.66
CA ARG A 123 -6.09 10.22 8.01
C ARG A 123 -5.20 11.25 7.35
N HIS A 124 -5.39 11.42 6.05
CA HIS A 124 -4.58 12.35 5.26
C HIS A 124 -5.32 13.67 5.19
N CYS A 125 -4.73 14.68 5.83
N CYS A 125 -4.71 14.67 5.82
CA CYS A 125 -5.38 15.96 5.97
CA CYS A 125 -5.34 15.96 6.00
C CYS A 125 -4.64 16.99 5.13
C CYS A 125 -4.61 16.97 5.12
N LEU A 126 -5.15 17.17 3.91
CA LEU A 126 -4.47 17.97 2.90
C LEU A 126 -5.04 19.37 2.82
N ASN A 127 -4.13 20.34 2.79
CA ASN A 127 -4.52 21.72 2.61
C ASN A 127 -4.77 22.00 1.12
N SER A 128 -6.02 22.36 0.75
CA SER A 128 -6.31 22.61 -0.67
C SER A 128 -5.50 23.78 -1.28
N VAL A 129 -5.02 24.69 -0.45
CA VAL A 129 -4.23 25.84 -0.91
C VAL A 129 -2.86 25.37 -1.46
N SER A 130 -2.40 24.22 -0.98
CA SER A 130 -1.09 23.70 -1.37
C SER A 130 -1.10 23.01 -2.75
N LEU A 131 -2.28 22.84 -3.32
CA LEU A 131 -2.46 21.98 -4.50
C LEU A 131 -3.11 22.71 -5.66
N ALA A 132 -2.60 22.45 -6.87
CA ALA A 132 -3.28 22.85 -8.12
C ALA A 132 -3.80 21.58 -8.81
N PHE A 133 -4.74 21.76 -9.75
CA PHE A 133 -5.37 20.60 -10.38
C PHE A 133 -5.17 20.57 -11.90
N THR A 134 -4.69 19.45 -12.39
CA THR A 134 -4.55 19.17 -13.84
C THR A 134 -5.54 18.08 -14.24
N GLU A 135 -6.48 18.39 -15.11
CA GLU A 135 -7.40 17.33 -15.54
C GLU A 135 -6.69 16.30 -16.41
N ASP A 136 -7.12 15.04 -16.34
CA ASP A 136 -6.52 13.97 -17.15
C ASP A 136 -6.53 14.41 -18.60
N GLY A 137 -5.43 14.11 -19.29
CA GLY A 137 -5.27 14.47 -20.72
C GLY A 137 -4.57 15.80 -20.96
N GLN A 138 -4.44 16.62 -19.91
CA GLN A 138 -3.84 17.94 -20.03
C GLN A 138 -2.38 17.87 -19.53
N PRO A 139 -1.44 18.47 -20.28
CA PRO A 139 -0.05 18.42 -19.80
C PRO A 139 0.15 19.03 -18.42
N LEU A 140 1.03 18.40 -17.65
CA LEU A 140 1.42 18.91 -16.32
C LEU A 140 1.93 20.37 -16.48
N PRO A 141 1.83 21.17 -15.40
CA PRO A 141 2.21 22.58 -15.44
C PRO A 141 3.72 22.75 -15.69
N ASN A 142 4.54 21.86 -15.12
CA ASN A 142 6.01 21.87 -15.34
C ASN A 142 6.67 23.26 -15.22
N PRO A 143 6.43 23.98 -14.12
CA PRO A 143 7.08 25.28 -13.94
C PRO A 143 8.62 25.25 -13.92
N LEU A 144 9.20 24.10 -13.57
CA LEU A 144 10.65 24.00 -13.54
C LEU A 144 11.21 23.66 -14.94
N GLN A 145 10.31 23.38 -15.89
CA GLN A 145 10.70 23.04 -17.26
C GLN A 145 11.65 21.87 -17.32
N ARG A 146 11.29 20.79 -16.63
CA ARG A 146 12.08 19.57 -16.54
C ARG A 146 11.72 18.69 -17.73
N ALA A 147 12.71 18.02 -18.31
CA ALA A 147 12.45 17.14 -19.46
C ALA A 147 11.85 15.80 -19.06
N GLY A 148 11.25 15.12 -20.04
CA GLY A 148 10.76 13.76 -19.83
C GLY A 148 9.30 13.68 -19.47
N ALA A 149 8.96 12.91 -18.44
CA ALA A 149 7.55 12.65 -18.08
C ALA A 149 6.80 13.92 -17.74
N GLU A 150 7.51 14.92 -17.20
CA GLU A 150 6.86 16.13 -16.74
C GLU A 150 6.38 17.02 -17.90
N THR A 151 6.82 16.67 -19.13
CA THR A 151 6.35 17.36 -20.33
C THR A 151 5.02 16.78 -20.87
N GLN A 152 4.46 15.80 -20.19
CA GLN A 152 3.29 15.09 -20.67
C GLN A 152 2.09 15.26 -19.72
N PRO A 153 0.90 14.82 -20.17
CA PRO A 153 -0.17 14.62 -19.20
C PRO A 153 0.30 13.68 -18.10
N ALA A 154 -0.30 13.82 -16.93
CA ALA A 154 0.02 12.97 -15.76
C ALA A 154 -0.53 11.56 -15.86
N SER B 2 -6.16 -7.05 -9.82
CA SER B 2 -4.74 -7.43 -9.56
C SER B 2 -3.86 -7.34 -10.82
N GLN B 3 -2.61 -6.93 -10.63
CA GLN B 3 -1.64 -6.86 -11.73
C GLN B 3 -0.83 -8.16 -11.82
N PHE B 4 -1.30 -9.18 -11.10
CA PHE B 4 -0.67 -10.52 -11.11
C PHE B 4 -1.47 -11.52 -11.96
N ASP B 5 -0.74 -12.45 -12.59
CA ASP B 5 -1.37 -13.48 -13.39
C ASP B 5 -1.67 -14.66 -12.46
N LEU B 6 -2.95 -14.85 -12.18
CA LEU B 6 -3.41 -15.83 -11.20
C LEU B 6 -3.60 -17.20 -11.84
N THR B 7 -3.23 -17.34 -13.12
CA THR B 7 -3.37 -18.64 -13.80
C THR B 7 -2.54 -19.66 -12.99
N PRO B 8 -3.11 -20.82 -12.65
CA PRO B 8 -2.33 -21.81 -11.87
C PRO B 8 -1.05 -22.28 -12.55
N PRO B 9 -0.09 -22.77 -11.75
CA PRO B 9 1.10 -23.43 -12.28
C PRO B 9 0.68 -24.57 -13.23
N SER B 10 1.45 -24.78 -14.29
CA SER B 10 1.29 -25.95 -15.13
C SER B 10 1.65 -27.19 -14.29
N PRO B 11 1.19 -28.38 -14.71
CA PRO B 11 1.68 -29.61 -14.04
C PRO B 11 3.21 -29.66 -13.89
N ALA B 12 3.96 -29.33 -14.94
CA ALA B 12 5.43 -29.38 -14.91
C ALA B 12 5.96 -28.39 -13.89
N GLN B 13 5.38 -27.20 -13.90
CA GLN B 13 5.78 -26.16 -12.96
C GLN B 13 5.52 -26.57 -11.51
N ARG B 14 4.34 -27.13 -11.28
N ARG B 14 4.35 -27.16 -11.28
CA ARG B 14 3.93 -27.57 -9.96
CA ARG B 14 3.93 -27.56 -9.94
C ARG B 14 4.91 -28.62 -9.46
C ARG B 14 4.82 -28.69 -9.42
N ASP B 15 5.19 -29.62 -10.30
CA ASP B 15 6.13 -30.68 -9.92
C ASP B 15 7.47 -30.09 -9.48
N ALA B 16 7.96 -29.12 -10.25
CA ALA B 16 9.23 -28.45 -9.94
C ALA B 16 9.13 -27.65 -8.64
N LEU B 17 8.02 -26.94 -8.42
CA LEU B 17 7.88 -26.16 -7.18
C LEU B 17 7.82 -27.10 -5.97
N ILE B 18 7.12 -28.22 -6.11
CA ILE B 18 7.00 -29.22 -5.03
C ILE B 18 8.34 -29.85 -4.66
N ALA B 19 9.16 -30.11 -5.68
CA ALA B 19 10.46 -30.75 -5.49
C ALA B 19 11.42 -29.89 -4.69
N GLY B 20 11.19 -28.57 -4.70
CA GLY B 20 11.96 -27.63 -3.90
C GLY B 20 11.48 -27.44 -2.48
N LEU B 21 10.36 -28.06 -2.12
CA LEU B 21 9.81 -27.91 -0.78
C LEU B 21 10.42 -28.93 0.16
N SER B 22 10.45 -28.59 1.45
CA SER B 22 10.86 -29.55 2.46
C SER B 22 9.72 -30.53 2.71
N ASP B 23 10.01 -31.62 3.38
CA ASP B 23 8.95 -32.56 3.77
C ASP B 23 7.77 -31.93 4.54
N GLU B 24 8.10 -31.09 5.54
N GLU B 24 8.10 -31.09 5.53
CA GLU B 24 7.11 -30.38 6.35
CA GLU B 24 7.10 -30.40 6.33
C GLU B 24 6.29 -29.42 5.49
C GLU B 24 6.29 -29.43 5.47
N GLU B 25 6.97 -28.75 4.56
CA GLU B 25 6.32 -27.81 3.66
C GLU B 25 5.33 -28.55 2.75
N GLN B 26 5.73 -29.73 2.27
CA GLN B 26 4.81 -30.53 1.46
C GLN B 26 3.57 -30.99 2.26
N ARG B 27 3.77 -31.45 3.50
CA ARG B 27 2.68 -31.85 4.37
C ARG B 27 1.65 -30.73 4.56
N VAL B 28 2.16 -29.53 4.79
CA VAL B 28 1.31 -28.37 5.09
C VAL B 28 0.62 -27.80 3.85
N LEU B 29 1.42 -27.44 2.85
CA LEU B 29 0.91 -26.72 1.70
C LEU B 29 -0.01 -27.57 0.86
N LEU B 30 0.32 -28.86 0.76
CA LEU B 30 -0.32 -29.70 -0.27
C LEU B 30 -1.41 -30.59 0.25
N HIS B 31 -1.58 -30.64 1.57
CA HIS B 31 -2.57 -31.52 2.15
C HIS B 31 -3.49 -30.81 3.12
N HIS B 32 -3.90 -29.59 2.74
CA HIS B 32 -4.96 -28.87 3.42
C HIS B 32 -4.52 -28.65 4.87
N GLY B 33 -3.20 -28.54 5.06
CA GLY B 33 -2.58 -28.19 6.32
C GLY B 33 -2.55 -29.28 7.37
N THR B 34 -2.85 -30.51 6.94
CA THR B 34 -3.11 -31.60 7.88
C THR B 34 -4.34 -31.25 8.74
N GLU B 35 -4.62 -32.10 9.72
CA GLU B 35 -5.80 -31.95 10.58
C GLU B 35 -5.58 -30.99 11.75
N ALA B 36 -4.34 -30.77 12.16
CA ALA B 36 -4.02 -29.97 13.36
C ALA B 36 -4.00 -28.43 13.14
N PRO B 37 -4.82 -27.67 13.87
CA PRO B 37 -4.89 -26.22 13.68
C PRO B 37 -3.68 -25.46 14.20
N PHE B 38 -3.30 -24.41 13.47
CA PHE B 38 -2.24 -23.50 13.87
C PHE B 38 -2.74 -22.10 13.64
N CYS B 39 -2.48 -21.23 14.62
N CYS B 39 -2.44 -21.24 14.62
CA CYS B 39 -2.66 -19.80 14.48
CA CYS B 39 -2.67 -19.83 14.47
C CYS B 39 -1.30 -19.15 14.56
C CYS B 39 -1.31 -19.15 14.56
N GLY B 40 -0.62 -19.12 13.42
CA GLY B 40 0.74 -18.58 13.35
C GLY B 40 0.90 -17.17 13.82
N VAL B 41 2.10 -16.91 14.34
CA VAL B 41 2.48 -15.61 14.81
C VAL B 41 3.75 -15.25 14.03
N PHE B 42 3.97 -13.97 13.86
CA PHE B 42 5.03 -13.62 12.91
C PHE B 42 5.84 -12.46 13.50
N LEU B 43 5.70 -12.30 14.82
CA LEU B 43 6.23 -11.18 15.59
C LEU B 43 7.74 -11.11 15.65
N ASP B 44 8.35 -12.23 15.28
CA ASP B 44 9.80 -12.29 15.18
C ASP B 44 10.31 -11.29 14.21
N ASN B 45 9.57 -11.11 13.14
CA ASN B 45 9.96 -10.23 12.05
C ASN B 45 9.60 -8.81 12.30
N LYS B 46 10.57 -7.92 12.15
CA LYS B 46 10.35 -6.52 12.38
C LYS B 46 10.41 -5.69 11.12
N LEU B 47 10.64 -6.31 9.97
CA LEU B 47 10.83 -5.56 8.73
C LEU B 47 9.52 -5.35 7.98
N ASP B 48 9.44 -4.26 7.22
CA ASP B 48 8.29 -4.03 6.36
C ASP B 48 8.44 -4.90 5.12
N GLY B 49 7.37 -5.60 4.75
CA GLY B 49 7.47 -6.45 3.58
C GLY B 49 6.18 -7.16 3.27
N VAL B 50 6.30 -8.25 2.51
CA VAL B 50 5.12 -8.99 2.04
C VAL B 50 5.37 -10.49 2.20
N TYR B 51 4.37 -11.21 2.71
CA TYR B 51 4.48 -12.66 2.82
C TYR B 51 3.86 -13.21 1.54
N THR B 52 4.58 -14.18 0.96
CA THR B 52 4.19 -14.78 -0.30
C THR B 52 3.81 -16.25 -0.09
N CYS B 53 2.96 -16.76 -0.98
CA CYS B 53 2.73 -18.21 -1.02
C CYS B 53 4.07 -18.96 -1.11
N ARG B 54 4.36 -19.83 -0.13
CA ARG B 54 5.61 -20.61 -0.18
C ARG B 54 5.73 -21.49 -1.45
N LEU B 55 4.61 -21.98 -2.00
CA LEU B 55 4.71 -22.80 -3.23
C LEU B 55 4.94 -21.96 -4.50
N CYS B 56 4.08 -20.95 -4.71
CA CYS B 56 4.05 -20.27 -6.04
C CYS B 56 4.53 -18.81 -6.07
N GLY B 57 4.81 -18.24 -4.89
CA GLY B 57 5.39 -16.92 -4.78
C GLY B 57 4.39 -15.79 -4.82
N LEU B 58 3.09 -16.09 -4.99
CA LEU B 58 2.10 -14.98 -5.07
C LEU B 58 2.12 -14.14 -3.79
N PRO B 59 2.19 -12.80 -3.93
CA PRO B 59 2.14 -11.91 -2.73
C PRO B 59 0.76 -12.02 -2.06
N LEU B 60 0.72 -12.31 -0.75
CA LEU B 60 -0.56 -12.61 -0.09
C LEU B 60 -0.88 -11.66 1.05
N PHE B 61 0.10 -11.37 1.89
CA PHE B 61 -0.18 -10.49 3.03
C PHE B 61 0.92 -9.48 3.19
N ARG B 62 0.55 -8.21 3.27
N ARG B 62 0.51 -8.22 3.31
CA ARG B 62 1.50 -7.13 3.58
CA ARG B 62 1.41 -7.12 3.65
C ARG B 62 1.73 -7.09 5.09
C ARG B 62 1.75 -7.22 5.14
N SER B 63 2.97 -6.84 5.49
CA SER B 63 3.34 -6.70 6.90
C SER B 63 4.04 -5.35 7.01
N ASN B 64 3.45 -4.41 7.73
CA ASN B 64 4.00 -3.06 7.81
C ASN B 64 3.79 -2.49 9.22
N ALA B 65 4.84 -1.86 9.74
CA ALA B 65 4.83 -1.34 11.09
C ALA B 65 3.67 -0.34 11.35
N LYS B 66 3.12 0.22 10.27
CA LYS B 66 1.97 1.15 10.34
C LYS B 66 0.60 0.45 10.45
N PHE B 67 0.56 -0.85 10.12
CA PHE B 67 -0.71 -1.55 9.96
C PHE B 67 -1.27 -2.10 11.27
N ASP B 68 -2.59 -2.08 11.34
CA ASP B 68 -3.32 -2.77 12.39
C ASP B 68 -4.68 -3.16 11.85
N SER B 69 -4.85 -4.46 11.55
CA SER B 69 -6.08 -4.96 10.95
C SER B 69 -6.99 -5.58 12.01
N GLY B 70 -6.64 -5.35 13.27
CA GLY B 70 -7.44 -5.84 14.40
C GLY B 70 -6.97 -7.21 14.88
N THR B 71 -7.67 -7.76 15.85
CA THR B 71 -7.20 -8.96 16.52
C THR B 71 -7.45 -10.28 15.76
N GLY B 72 -8.14 -10.23 14.63
CA GLY B 72 -8.41 -11.45 13.83
C GLY B 72 -7.28 -11.76 12.84
N TRP B 73 -6.28 -10.90 12.82
CA TRP B 73 -5.11 -11.03 11.93
C TRP B 73 -3.87 -10.94 12.81
N PRO B 74 -2.73 -11.50 12.36
CA PRO B 74 -1.46 -11.30 13.05
C PRO B 74 -1.11 -9.83 13.07
N SER B 75 -0.24 -9.42 13.99
CA SER B 75 0.16 -8.01 14.09
C SER B 75 0.81 -7.55 12.82
N PHE B 76 0.44 -6.33 12.42
CA PHE B 76 1.05 -5.64 11.30
C PHE B 76 0.56 -6.15 9.95
N PHE B 77 -0.27 -7.21 9.95
CA PHE B 77 -0.74 -7.83 8.70
C PHE B 77 -1.92 -7.14 8.06
N ALA B 78 -1.96 -7.14 6.73
CA ALA B 78 -3.14 -6.75 5.98
C ALA B 78 -3.13 -7.54 4.68
N PRO B 79 -4.31 -7.81 4.08
CA PRO B 79 -4.32 -8.43 2.75
C PRO B 79 -3.52 -7.64 1.70
N TYR B 80 -2.75 -8.35 0.88
CA TYR B 80 -2.01 -7.70 -0.18
C TYR B 80 -2.95 -7.27 -1.34
N ASP B 81 -3.83 -8.19 -1.75
CA ASP B 81 -4.80 -7.94 -2.81
C ASP B 81 -5.97 -8.87 -2.53
N PRO B 82 -7.20 -8.34 -2.55
CA PRO B 82 -8.35 -9.20 -2.29
C PRO B 82 -8.50 -10.42 -3.21
N ALA B 83 -8.00 -10.34 -4.43
CA ALA B 83 -8.09 -11.46 -5.38
C ALA B 83 -7.10 -12.61 -5.09
N HIS B 84 -6.15 -12.41 -4.17
CA HIS B 84 -5.01 -13.38 -4.07
C HIS B 84 -5.24 -14.53 -3.09
N VAL B 85 -6.25 -14.37 -2.24
CA VAL B 85 -6.50 -15.32 -1.16
C VAL B 85 -7.98 -15.68 -1.22
N ARG B 86 -8.30 -16.95 -1.11
CA ARG B 86 -9.70 -17.39 -1.17
C ARG B 86 -10.02 -18.12 0.11
N GLU B 87 -11.30 -18.11 0.49
CA GLU B 87 -11.78 -19.00 1.56
C GLU B 87 -12.71 -20.00 0.93
N ILE B 88 -12.45 -21.26 1.18
CA ILE B 88 -13.20 -22.33 0.52
C ILE B 88 -13.62 -23.32 1.58
N ARG B 89 -14.68 -24.08 1.27
CA ARG B 89 -15.06 -25.19 2.12
C ARG B 89 -14.10 -26.34 1.83
N ASP B 90 -13.50 -26.85 2.90
CA ASP B 90 -12.51 -27.90 2.80
C ASP B 90 -13.15 -29.11 3.46
N THR B 91 -13.19 -30.23 2.71
CA THR B 91 -13.83 -31.47 3.15
C THR B 91 -12.80 -32.57 3.47
N SER B 92 -11.55 -32.17 3.70
CA SER B 92 -10.47 -33.13 3.96
C SER B 92 -10.53 -33.65 5.40
N TYR B 93 -9.90 -34.82 5.62
CA TYR B 93 -9.77 -35.42 6.95
C TYR B 93 -11.11 -35.66 7.66
N GLY B 94 -12.13 -36.03 6.89
CA GLY B 94 -13.45 -36.39 7.39
C GLY B 94 -14.22 -35.29 8.11
N MET B 95 -13.85 -34.04 7.85
CA MET B 95 -14.59 -32.93 8.43
C MET B 95 -14.82 -31.87 7.40
N ILE B 96 -15.45 -30.78 7.83
CA ILE B 96 -15.69 -29.60 6.97
C ILE B 96 -15.10 -28.41 7.70
N ARG B 97 -14.27 -27.67 6.97
N ARG B 97 -14.24 -27.67 6.99
CA ARG B 97 -13.56 -26.51 7.52
CA ARG B 97 -13.56 -26.50 7.57
C ARG B 97 -13.67 -25.35 6.54
C ARG B 97 -13.46 -25.39 6.53
N THR B 98 -13.34 -24.16 7.03
CA THR B 98 -13.18 -22.99 6.16
C THR B 98 -11.68 -22.74 6.08
N GLU B 99 -11.16 -23.08 4.91
CA GLU B 99 -9.74 -23.06 4.67
C GLU B 99 -9.36 -21.82 3.87
N ILE B 100 -8.26 -21.21 4.30
CA ILE B 100 -7.64 -20.11 3.58
C ILE B 100 -6.65 -20.73 2.58
N VAL B 101 -6.86 -20.43 1.29
CA VAL B 101 -5.97 -20.97 0.25
C VAL B 101 -5.40 -19.92 -0.71
N CYS B 102 -4.26 -20.22 -1.31
CA CYS B 102 -3.72 -19.34 -2.36
C CYS B 102 -4.63 -19.38 -3.59
N ALA B 103 -5.08 -18.22 -4.05
CA ALA B 103 -5.94 -18.15 -5.25
C ALA B 103 -5.29 -18.67 -6.55
N ARG B 104 -3.96 -18.64 -6.62
CA ARG B 104 -3.28 -19.08 -7.81
C ARG B 104 -3.02 -20.58 -7.85
N CYS B 105 -2.45 -21.13 -6.78
CA CYS B 105 -2.01 -22.53 -6.81
C CYS B 105 -2.79 -23.48 -5.91
N ASP B 106 -3.75 -22.97 -5.11
CA ASP B 106 -4.66 -23.80 -4.29
C ASP B 106 -4.01 -24.22 -2.99
N SER B 107 -2.76 -23.78 -2.76
CA SER B 107 -2.01 -24.27 -1.58
C SER B 107 -2.66 -23.85 -0.26
N HIS B 108 -2.46 -24.65 0.78
CA HIS B 108 -3.07 -24.37 2.09
C HIS B 108 -2.35 -23.22 2.77
N LEU B 109 -3.09 -22.19 3.21
CA LEU B 109 -2.50 -21.10 4.02
C LEU B 109 -2.89 -21.10 5.50
N GLY B 110 -4.06 -21.63 5.82
CA GLY B 110 -4.56 -21.47 7.19
C GLY B 110 -6.05 -21.75 7.24
N HIS B 111 -6.68 -21.33 8.34
CA HIS B 111 -8.13 -21.50 8.49
C HIS B 111 -8.77 -20.28 9.08
N VAL B 112 -10.08 -20.17 8.83
CA VAL B 112 -10.90 -19.15 9.50
C VAL B 112 -11.58 -19.85 10.65
N PHE B 113 -11.25 -19.41 11.87
CA PHE B 113 -11.94 -19.86 13.09
C PHE B 113 -12.93 -18.80 13.58
N PRO B 114 -14.01 -19.23 14.30
CA PRO B 114 -15.09 -18.31 14.69
C PRO B 114 -14.90 -17.56 16.05
N ASP B 115 -13.65 -17.34 16.46
CA ASP B 115 -13.35 -16.76 17.78
C ASP B 115 -12.66 -15.41 17.71
N GLY B 116 -12.87 -14.69 16.61
CA GLY B 116 -12.20 -13.39 16.41
C GLY B 116 -13.06 -12.21 16.82
N PRO B 117 -12.59 -10.98 16.54
CA PRO B 117 -13.33 -9.78 16.94
C PRO B 117 -14.61 -9.56 16.13
N PRO B 118 -15.60 -8.85 16.70
CA PRO B 118 -16.74 -8.40 15.91
C PRO B 118 -16.28 -7.32 14.92
N PRO B 119 -17.08 -7.04 13.87
CA PRO B 119 -18.40 -7.61 13.54
C PRO B 119 -18.39 -9.02 12.94
N THR B 120 -17.30 -9.39 12.27
CA THR B 120 -17.21 -10.68 11.58
C THR B 120 -17.06 -11.89 12.52
N GLY B 121 -16.35 -11.68 13.64
CA GLY B 121 -16.12 -12.74 14.62
C GLY B 121 -15.10 -13.76 14.14
N GLU B 122 -14.53 -13.48 12.98
CA GLU B 122 -13.64 -14.43 12.30
C GLU B 122 -12.21 -14.19 12.75
N ARG B 123 -11.49 -15.28 13.08
CA ARG B 123 -10.06 -15.21 13.26
C ARG B 123 -9.41 -15.95 12.09
N HIS B 124 -8.50 -15.26 11.40
CA HIS B 124 -7.82 -15.82 10.24
C HIS B 124 -6.50 -16.35 10.73
N CYS B 125 -6.43 -17.67 10.93
CA CYS B 125 -5.23 -18.30 11.47
C CYS B 125 -4.37 -18.89 10.36
N LEU B 126 -3.16 -18.37 10.27
CA LEU B 126 -2.26 -18.69 9.16
C LEU B 126 -1.15 -19.59 9.62
N ASN B 127 -0.75 -20.53 8.77
CA ASN B 127 0.32 -21.40 9.09
C ASN B 127 1.63 -20.79 8.64
N SER B 128 2.54 -20.59 9.57
CA SER B 128 3.80 -19.96 9.25
C SER B 128 4.64 -20.75 8.23
N VAL B 129 4.41 -22.06 8.12
CA VAL B 129 5.11 -22.89 7.15
C VAL B 129 4.71 -22.57 5.71
N SER B 130 3.52 -22.00 5.55
CA SER B 130 2.90 -21.78 4.22
C SER B 130 3.39 -20.53 3.51
N LEU B 131 4.15 -19.69 4.23
CA LEU B 131 4.49 -18.34 3.76
C LEU B 131 5.97 -18.08 3.75
N ALA B 132 6.46 -17.37 2.73
CA ALA B 132 7.85 -16.90 2.74
C ALA B 132 7.78 -15.38 2.80
N PHE B 133 8.88 -14.69 3.11
CA PHE B 133 8.82 -13.24 3.32
C PHE B 133 9.78 -12.56 2.37
N THR B 134 9.30 -11.49 1.73
CA THR B 134 10.14 -10.61 0.92
C THR B 134 10.11 -9.22 1.54
N GLU B 135 11.29 -8.71 1.92
CA GLU B 135 11.39 -7.34 2.41
C GLU B 135 11.05 -6.31 1.32
N ASP B 136 10.39 -5.22 1.70
CA ASP B 136 10.04 -4.14 0.78
C ASP B 136 11.30 -3.67 0.07
N GLY B 137 11.19 -3.50 -1.24
CA GLY B 137 12.31 -3.07 -2.05
C GLY B 137 13.06 -4.21 -2.69
N GLN B 138 12.86 -5.45 -2.23
CA GLN B 138 13.50 -6.61 -2.90
C GLN B 138 12.56 -7.25 -3.94
N PRO B 139 13.08 -7.72 -5.08
CA PRO B 139 12.15 -8.30 -6.07
C PRO B 139 11.44 -9.55 -5.53
N LEU B 140 10.19 -9.76 -5.93
CA LEU B 140 9.44 -10.96 -5.55
C LEU B 140 10.17 -12.23 -6.01
N PRO B 141 9.88 -13.37 -5.35
CA PRO B 141 10.58 -14.60 -5.77
C PRO B 141 10.23 -15.06 -7.18
N ASN B 142 8.97 -14.91 -7.56
CA ASN B 142 8.50 -15.21 -8.92
C ASN B 142 9.04 -16.54 -9.47
N PRO B 143 8.81 -17.67 -8.75
CA PRO B 143 9.31 -18.97 -9.25
C PRO B 143 8.67 -19.43 -10.58
N LEU B 144 7.50 -18.85 -10.90
CA LEU B 144 6.78 -19.17 -12.14
C LEU B 144 7.22 -18.30 -13.30
N GLN B 145 8.05 -17.30 -13.01
CA GLN B 145 8.65 -16.45 -14.06
C GLN B 145 7.61 -15.68 -14.85
N ARG B 146 6.58 -15.21 -14.14
CA ARG B 146 5.52 -14.43 -14.77
C ARG B 146 5.97 -13.00 -15.04
N ALA B 147 5.46 -12.43 -16.14
CA ALA B 147 5.81 -11.09 -16.60
C ALA B 147 5.09 -10.02 -15.82
N GLY B 148 5.62 -8.80 -15.88
CA GLY B 148 4.94 -7.65 -15.29
C GLY B 148 5.31 -7.39 -13.84
N ALA B 149 4.29 -7.06 -13.06
CA ALA B 149 4.44 -6.65 -11.67
C ALA B 149 5.26 -7.65 -10.86
N GLU B 150 5.12 -8.92 -11.19
CA GLU B 150 5.77 -9.97 -10.40
C GLU B 150 7.30 -10.00 -10.58
N THR B 151 7.81 -9.24 -11.57
CA THR B 151 9.26 -9.13 -11.80
C THR B 151 9.91 -8.03 -10.98
N GLN B 152 9.10 -7.35 -10.17
CA GLN B 152 9.55 -6.22 -9.42
C GLN B 152 9.35 -6.46 -7.91
N PRO B 153 9.79 -5.50 -7.07
CA PRO B 153 9.36 -5.54 -5.65
C PRO B 153 7.85 -5.49 -5.51
N ALA B 154 7.34 -6.03 -4.40
CA ALA B 154 5.90 -6.07 -4.11
C ALA B 154 5.36 -4.67 -3.84
#